data_8VSR
#
_entry.id   8VSR
#
_cell.length_a   67.494
_cell.length_b   67.494
_cell.length_c   232.208
_cell.angle_alpha   90.000
_cell.angle_beta   90.000
_cell.angle_gamma   120.000
#
_symmetry.space_group_name_H-M   'P 61'
#
loop_
_entity.id
_entity.type
_entity.pdbx_description
1 polymer Prx
2 polymer Esub1
3 non-polymer DI(HYDROXYETHYL)ETHER
4 non-polymer 'PHOSPHATE ION'
5 water water
#
loop_
_entity_poly.entity_id
_entity_poly.type
_entity_poly.pdbx_seq_one_letter_code
_entity_poly.pdbx_strand_id
1 'polypeptide(L)' MLYIDEFKEAIDKGYILGDTVAIVRKNGKIFDYVLPHEKVRDDEVVTVERVEEVMVELDKLEHHHHHH A,C
2 'polypeptide(L)'
;MADSREKVTLGTVVDCFKGKAVSSKVVPGDVGLINLSDMGTLGIQYHQLRTFQMDRRQLLRYLLEDGDVLIASKGTLKKV
CVFHKQNRDVVASSNITVLRPQKLLRGYYIKFFLDSPIGQALLDAADHGKDVINLSTKELLDIPIPVIPLVKQDYLINHY
LRGLTDYHRKLNRAEQEWEYIQNEIQKGLGLEHHHHHH
;
B,D
#
# COMPACT_ATOMS: atom_id res chain seq x y z
N MET A 1 -3.81 13.95 -29.13
CA MET A 1 -5.24 14.28 -29.37
C MET A 1 -5.65 15.48 -28.51
N LEU A 2 -6.40 16.40 -29.12
CA LEU A 2 -6.90 17.57 -28.42
C LEU A 2 -8.22 17.24 -27.73
N TYR A 3 -8.34 17.67 -26.48
CA TYR A 3 -9.55 17.46 -25.69
C TYR A 3 -10.23 18.80 -25.42
N ILE A 4 -11.47 18.71 -24.93
CA ILE A 4 -12.31 19.89 -24.76
C ILE A 4 -11.79 20.79 -23.63
N ASP A 5 -11.14 20.21 -22.63
CA ASP A 5 -10.61 21.01 -21.53
C ASP A 5 -9.36 21.77 -21.92
N GLU A 6 -8.55 21.23 -22.83
CA GLU A 6 -7.32 21.90 -23.22
C GLU A 6 -7.61 23.09 -24.13
N PHE A 7 -8.64 23.00 -24.96
CA PHE A 7 -8.98 24.10 -25.86
C PHE A 7 -9.54 25.29 -25.09
N LYS A 8 -10.50 25.05 -24.20
CA LYS A 8 -11.04 26.15 -23.40
C LYS A 8 -9.96 26.76 -22.52
N GLU A 9 -9.08 25.93 -21.96
CA GLU A 9 -8.01 26.45 -21.12
C GLU A 9 -7.13 27.43 -21.88
N ALA A 10 -6.77 27.08 -23.12
CA ALA A 10 -5.98 27.99 -23.94
C ALA A 10 -6.74 29.27 -24.27
N ILE A 11 -8.08 29.23 -24.25
CA ILE A 11 -8.86 30.44 -24.51
C ILE A 11 -8.91 31.33 -23.28
N ASP A 12 -9.05 30.72 -22.09
CA ASP A 12 -9.08 31.50 -20.86
C ASP A 12 -7.70 32.08 -20.52
N LYS A 13 -6.63 31.45 -20.98
CA LYS A 13 -5.28 31.93 -20.73
C LYS A 13 -4.89 33.08 -21.65
N GLY A 14 -5.70 33.36 -22.66
CA GLY A 14 -5.34 34.38 -23.64
C GLY A 14 -4.44 33.90 -24.75
N TYR A 15 -4.25 32.58 -24.88
CA TYR A 15 -3.40 32.05 -25.93
C TYR A 15 -4.13 31.98 -27.27
N ILE A 16 -5.44 31.77 -27.25
CA ILE A 16 -6.28 31.81 -28.43
C ILE A 16 -7.10 33.08 -28.34
N LEU A 17 -6.68 34.12 -29.05
CA LEU A 17 -7.38 35.39 -29.09
C LEU A 17 -8.10 35.55 -30.42
N GLY A 18 -9.14 36.37 -30.40
CA GLY A 18 -9.93 36.61 -31.59
C GLY A 18 -11.04 35.60 -31.77
N ASP A 19 -11.74 35.72 -32.89
CA ASP A 19 -12.87 34.87 -33.20
C ASP A 19 -12.50 33.63 -34.00
N THR A 20 -11.25 33.53 -34.46
CA THR A 20 -10.80 32.40 -35.25
C THR A 20 -9.56 31.78 -34.63
N VAL A 21 -9.27 30.55 -35.07
CA VAL A 21 -8.13 29.79 -34.56
C VAL A 21 -7.69 28.82 -35.65
N ALA A 22 -6.38 28.60 -35.74
CA ALA A 22 -5.84 27.59 -36.64
C ALA A 22 -6.05 26.21 -36.04
N ILE A 23 -6.59 25.29 -36.84
CA ILE A 23 -6.94 23.96 -36.39
C ILE A 23 -6.35 22.94 -37.36
N VAL A 24 -5.60 21.99 -36.83
CA VAL A 24 -5.12 20.85 -37.60
C VAL A 24 -6.16 19.75 -37.52
N ARG A 25 -6.55 19.21 -38.67
CA ARG A 25 -7.53 18.13 -38.75
C ARG A 25 -6.87 16.87 -39.28
N LYS A 26 -6.97 15.79 -38.52
CA LYS A 26 -6.55 14.46 -38.97
C LYS A 26 -7.78 13.75 -39.54
N ASN A 27 -7.75 13.42 -40.83
CA ASN A 27 -8.80 12.62 -41.45
C ASN A 27 -10.18 13.22 -41.18
N GLY A 28 -10.25 14.55 -41.17
CA GLY A 28 -11.50 15.26 -41.04
C GLY A 28 -11.88 15.66 -39.63
N LYS A 29 -11.34 15.00 -38.62
CA LYS A 29 -11.67 15.32 -37.24
C LYS A 29 -10.60 16.19 -36.61
N ILE A 30 -11.01 16.92 -35.56
CA ILE A 30 -10.12 17.86 -34.88
C ILE A 30 -9.02 17.09 -34.18
N PHE A 31 -7.77 17.41 -34.50
CA PHE A 31 -6.61 16.83 -33.85
C PHE A 31 -5.90 17.77 -32.90
N ASP A 32 -5.72 19.02 -33.29
CA ASP A 32 -4.99 19.98 -32.47
C ASP A 32 -5.29 21.38 -32.97
N TYR A 33 -4.93 22.36 -32.15
CA TYR A 33 -4.94 23.77 -32.51
C TYR A 33 -3.50 24.26 -32.65
N VAL A 34 -3.34 25.42 -33.26
CA VAL A 34 -2.03 26.00 -33.51
C VAL A 34 -2.05 27.45 -33.05
N LEU A 35 -1.10 27.82 -32.20
CA LEU A 35 -0.96 29.19 -31.71
C LEU A 35 0.01 29.95 -32.60
N PRO A 36 0.07 31.28 -32.43
CA PRO A 36 0.81 32.10 -33.41
C PRO A 36 2.22 31.61 -33.75
N HIS A 37 3.02 31.20 -32.78
CA HIS A 37 4.43 30.93 -33.02
C HIS A 37 4.77 29.45 -33.00
N GLU A 38 3.78 28.59 -33.18
CA GLU A 38 3.99 27.15 -33.12
C GLU A 38 4.27 26.56 -34.49
N LYS A 39 4.87 25.38 -34.49
CA LYS A 39 5.37 24.75 -35.70
C LYS A 39 4.35 23.73 -36.20
N VAL A 40 3.86 23.93 -37.42
CA VAL A 40 2.97 22.97 -38.07
C VAL A 40 3.83 22.05 -38.94
N ARG A 41 3.60 20.75 -38.82
CA ARG A 41 4.38 19.79 -39.59
C ARG A 41 4.00 19.88 -41.07
N ASP A 42 4.95 19.50 -41.92
CA ASP A 42 4.74 19.61 -43.36
C ASP A 42 3.54 18.81 -43.84
N ASP A 43 3.14 17.78 -43.10
CA ASP A 43 2.11 16.86 -43.56
C ASP A 43 0.76 17.10 -42.89
N GLU A 44 0.56 18.24 -42.23
CA GLU A 44 -0.65 18.49 -41.47
C GLU A 44 -1.51 19.55 -42.15
N VAL A 45 -2.82 19.39 -41.99
CA VAL A 45 -3.82 20.17 -42.70
C VAL A 45 -4.37 21.21 -41.75
N VAL A 46 -4.05 22.49 -41.99
CA VAL A 46 -4.44 23.58 -41.12
C VAL A 46 -5.61 24.33 -41.75
N THR A 47 -6.67 24.51 -40.98
CA THR A 47 -7.81 25.34 -41.36
C THR A 47 -8.04 26.36 -40.26
N VAL A 48 -8.53 27.54 -40.66
CA VAL A 48 -8.85 28.61 -39.71
C VAL A 48 -10.35 28.56 -39.47
N GLU A 49 -10.75 28.24 -38.24
CA GLU A 49 -12.13 28.05 -37.87
C GLU A 49 -12.48 28.94 -36.69
N ARG A 50 -13.78 29.06 -36.42
CA ARG A 50 -14.27 29.92 -35.35
C ARG A 50 -14.25 29.19 -34.01
N VAL A 51 -13.91 29.92 -32.96
CA VAL A 51 -13.69 29.29 -31.65
C VAL A 51 -15.00 28.75 -31.10
N GLU A 52 -16.09 29.53 -31.19
CA GLU A 52 -17.38 29.04 -30.71
C GLU A 52 -17.76 27.75 -31.44
N GLU A 53 -17.50 27.70 -32.75
CA GLU A 53 -17.85 26.52 -33.53
C GLU A 53 -16.91 25.36 -33.31
N VAL A 54 -15.63 25.64 -33.03
CA VAL A 54 -14.71 24.58 -32.67
C VAL A 54 -15.02 24.06 -31.27
N MET A 55 -15.53 24.93 -30.40
CA MET A 55 -15.86 24.53 -29.04
C MET A 55 -17.11 23.66 -29.00
N VAL A 56 -18.02 23.84 -29.95
CA VAL A 56 -19.24 23.04 -29.97
C VAL A 56 -19.01 21.70 -30.66
N GLU A 57 -18.13 21.64 -31.66
CA GLU A 57 -17.82 20.36 -32.29
C GLU A 57 -17.10 19.42 -31.31
N LEU A 58 -16.32 19.99 -30.40
CA LEU A 58 -15.67 19.17 -29.38
C LEU A 58 -16.68 18.63 -28.37
N ASP A 59 -17.75 19.39 -28.11
CA ASP A 59 -18.75 18.96 -27.14
C ASP A 59 -19.25 17.54 -27.43
N LYS A 60 -19.52 17.26 -28.71
CA LYS A 60 -19.96 15.92 -29.10
C LYS A 60 -18.96 14.85 -28.67
N ARG B 5 4.50 40.71 6.93
CA ARG B 5 5.17 40.41 5.66
C ARG B 5 4.32 40.81 4.46
N GLU B 6 4.94 41.29 3.37
CA GLU B 6 4.19 41.45 2.15
C GLU B 6 3.99 40.09 1.49
N LYS B 7 2.92 39.98 0.74
CA LYS B 7 2.55 38.72 0.12
C LYS B 7 2.23 38.97 -1.34
N VAL B 8 2.72 38.08 -2.19
CA VAL B 8 2.37 38.07 -3.60
C VAL B 8 1.34 36.98 -3.84
N THR B 9 0.32 37.30 -4.63
CA THR B 9 -0.68 36.31 -4.99
C THR B 9 -0.09 35.31 -5.98
N LEU B 10 -0.40 34.04 -5.79
CA LEU B 10 0.27 32.98 -6.54
C LEU B 10 0.16 33.21 -8.04
N GLY B 11 -0.97 33.76 -8.49
CA GLY B 11 -1.18 33.98 -9.91
C GLY B 11 -0.32 35.07 -10.53
N THR B 12 0.29 35.93 -9.69
CA THR B 12 1.14 36.98 -10.21
C THR B 12 2.61 36.57 -10.32
N VAL B 13 2.97 35.38 -9.82
CA VAL B 13 4.36 34.93 -9.81
C VAL B 13 4.57 33.58 -10.47
N VAL B 14 3.50 32.93 -10.97
CA VAL B 14 3.64 31.64 -11.64
C VAL B 14 2.76 31.61 -12.88
N ASP B 15 3.12 30.70 -13.78
CA ASP B 15 2.30 30.31 -14.93
C ASP B 15 1.65 28.98 -14.60
N CYS B 16 0.33 28.93 -14.65
CA CYS B 16 -0.43 27.77 -14.19
C CYS B 16 -1.19 27.14 -15.34
N PHE B 17 -1.10 25.82 -15.46
CA PHE B 17 -1.84 25.08 -16.47
C PHE B 17 -2.09 23.66 -15.99
N LYS B 18 -3.27 23.14 -16.31
CA LYS B 18 -3.57 21.74 -16.03
C LYS B 18 -2.75 20.83 -16.96
N GLY B 19 -2.57 19.59 -16.52
CA GLY B 19 -1.79 18.64 -17.28
C GLY B 19 -2.55 18.09 -18.47
N LYS B 20 -1.83 17.30 -19.27
CA LYS B 20 -2.38 16.73 -20.49
C LYS B 20 -3.34 15.57 -20.18
N ALA B 21 -4.47 15.56 -20.87
CA ALA B 21 -5.41 14.45 -20.77
C ALA B 21 -4.94 13.32 -21.68
N VAL B 22 -4.63 12.17 -21.08
CA VAL B 22 -4.11 11.02 -21.81
C VAL B 22 -5.08 9.86 -21.59
N SER B 23 -5.61 9.32 -22.68
CA SER B 23 -6.46 8.15 -22.59
C SER B 23 -5.63 6.91 -22.26
N SER B 24 -6.29 5.89 -21.71
CA SER B 24 -5.58 4.68 -21.32
C SER B 24 -4.98 3.96 -22.51
N LYS B 25 -5.51 4.20 -23.72
CA LYS B 25 -4.96 3.58 -24.93
C LYS B 25 -3.86 4.47 -25.47
N VAL B 26 -2.62 4.19 -25.06
CA VAL B 26 -1.47 4.91 -25.57
C VAL B 26 -0.43 3.92 -26.05
N VAL B 27 0.44 4.42 -26.93
CA VAL B 27 1.61 3.67 -27.36
C VAL B 27 2.75 4.03 -26.42
N PRO B 28 3.14 3.16 -25.48
CA PRO B 28 4.32 3.47 -24.65
C PRO B 28 5.49 3.89 -25.54
N GLY B 29 5.87 5.15 -25.45
CA GLY B 29 6.85 5.71 -26.36
C GLY B 29 8.07 6.24 -25.64
N ASP B 30 8.30 7.56 -25.72
CA ASP B 30 9.48 8.17 -25.16
C ASP B 30 9.19 9.18 -24.06
N VAL B 31 8.01 9.80 -24.05
CA VAL B 31 7.70 10.84 -23.07
C VAL B 31 7.12 10.18 -21.82
N GLY B 32 7.66 10.56 -20.66
CA GLY B 32 7.14 10.06 -19.41
C GLY B 32 5.93 10.82 -18.93
N LEU B 33 5.18 10.19 -18.04
CA LEU B 33 3.92 10.75 -17.53
C LEU B 33 3.91 10.65 -16.01
N ILE B 34 3.56 11.75 -15.36
CA ILE B 34 3.36 11.77 -13.91
C ILE B 34 1.86 11.78 -13.65
N ASN B 35 1.40 10.84 -12.84
CA ASN B 35 0.00 10.73 -12.44
C ASN B 35 -0.08 10.76 -10.93
N LEU B 36 -1.31 10.77 -10.42
CA LEU B 36 -1.51 10.81 -8.97
C LEU B 36 -0.75 9.69 -8.28
N SER B 37 -0.69 8.51 -8.91
CA SER B 37 -0.04 7.36 -8.28
C SER B 37 1.47 7.51 -8.20
N ASP B 38 2.06 8.43 -8.97
CA ASP B 38 3.49 8.65 -8.94
C ASP B 38 3.89 9.80 -8.03
N MET B 39 2.94 10.42 -7.33
CA MET B 39 3.22 11.53 -6.43
C MET B 39 3.35 10.98 -5.01
N GLY B 40 4.56 10.61 -4.62
CA GLY B 40 4.80 10.21 -3.25
C GLY B 40 4.99 11.41 -2.34
N THR B 41 5.08 11.14 -1.04
CA THR B 41 5.32 12.22 -0.08
C THR B 41 6.77 12.68 -0.08
N LEU B 42 7.70 11.84 -0.53
CA LEU B 42 9.12 12.17 -0.59
C LEU B 42 9.55 12.61 -1.99
N GLY B 43 8.60 12.93 -2.85
CA GLY B 43 8.88 13.33 -4.22
C GLY B 43 8.16 12.44 -5.20
N ILE B 44 8.45 12.65 -6.48
CA ILE B 44 7.83 11.89 -7.55
C ILE B 44 8.56 10.56 -7.72
N GLN B 45 7.78 9.50 -7.96
CA GLN B 45 8.33 8.16 -8.19
C GLN B 45 8.66 8.04 -9.68
N TYR B 46 9.82 8.60 -10.05
CA TYR B 46 10.21 8.67 -11.46
C TYR B 46 10.42 7.30 -12.08
N HIS B 47 10.70 6.28 -11.27
CA HIS B 47 11.06 4.97 -11.81
C HIS B 47 9.86 4.21 -12.35
N GLN B 48 8.65 4.50 -11.89
CA GLN B 48 7.46 3.76 -12.28
C GLN B 48 6.51 4.59 -13.15
N LEU B 49 7.03 5.55 -13.89
CA LEU B 49 6.18 6.41 -14.71
C LEU B 49 5.73 5.69 -15.96
N ARG B 50 4.47 5.91 -16.32
CA ARG B 50 3.90 5.36 -17.56
C ARG B 50 4.41 6.17 -18.74
N THR B 51 5.04 5.49 -19.69
CA THR B 51 5.56 6.12 -20.89
C THR B 51 4.50 6.12 -21.99
N PHE B 52 4.62 7.08 -22.91
CA PHE B 52 3.71 7.15 -24.05
C PHE B 52 4.31 8.07 -25.10
N GLN B 53 3.52 8.40 -26.13
CA GLN B 53 3.98 9.13 -27.30
C GLN B 53 3.15 10.39 -27.49
N MET B 54 3.80 11.48 -27.87
CA MET B 54 3.11 12.75 -28.08
C MET B 54 3.80 13.53 -29.17
N ASP B 55 3.01 14.21 -30.00
CA ASP B 55 3.56 15.07 -31.03
C ASP B 55 4.41 16.18 -30.41
N ARG B 56 5.39 16.67 -31.18
CA ARG B 56 6.33 17.64 -30.62
C ARG B 56 5.64 18.95 -30.28
N ARG B 57 4.72 19.41 -31.13
CA ARG B 57 4.05 20.68 -30.88
C ARG B 57 3.22 20.62 -29.59
N GLN B 58 2.41 19.56 -29.44
CA GLN B 58 1.61 19.44 -28.24
C GLN B 58 2.46 19.06 -27.04
N LEU B 59 3.54 18.30 -27.25
CA LEU B 59 4.43 17.94 -26.15
C LEU B 59 5.12 19.18 -25.58
N LEU B 60 5.50 20.12 -26.45
CA LEU B 60 6.22 21.29 -25.99
C LEU B 60 5.37 22.16 -25.06
N ARG B 61 4.05 22.11 -25.23
CA ARG B 61 3.18 22.90 -24.37
C ARG B 61 3.17 22.38 -22.94
N TYR B 62 3.12 21.06 -22.77
CA TYR B 62 2.98 20.42 -21.47
C TYR B 62 4.30 19.93 -20.90
N LEU B 63 5.40 20.10 -21.63
CA LEU B 63 6.70 19.67 -21.14
C LEU B 63 7.01 20.32 -19.80
N LEU B 64 7.55 19.53 -18.88
CA LEU B 64 7.89 20.00 -17.54
C LEU B 64 9.34 20.46 -17.49
N GLU B 65 9.62 21.40 -16.59
CA GLU B 65 10.93 21.99 -16.43
C GLU B 65 11.33 21.95 -14.96
N ASP B 66 12.64 21.91 -14.72
CA ASP B 66 13.17 21.85 -13.35
C ASP B 66 12.56 22.95 -12.49
N GLY B 67 11.93 22.54 -11.39
CA GLY B 67 11.39 23.48 -10.43
C GLY B 67 9.89 23.69 -10.48
N ASP B 68 9.19 23.00 -11.37
CA ASP B 68 7.74 23.11 -11.42
C ASP B 68 7.10 22.45 -10.20
N VAL B 69 6.01 23.05 -9.73
CA VAL B 69 5.25 22.49 -8.62
C VAL B 69 4.05 21.76 -9.20
N LEU B 70 3.98 20.44 -8.95
CA LEU B 70 2.85 19.63 -9.36
C LEU B 70 1.89 19.51 -8.19
N ILE B 71 0.62 19.82 -8.43
CA ILE B 71 -0.41 19.81 -7.40
C ILE B 71 -1.51 18.85 -7.83
N ALA B 72 -1.94 18.00 -6.90
CA ALA B 72 -3.03 17.05 -7.18
C ALA B 72 -4.35 17.83 -7.19
N SER B 73 -4.84 18.15 -8.39
CA SER B 73 -6.09 18.87 -8.54
C SER B 73 -7.31 17.97 -8.57
N LYS B 74 -7.12 16.65 -8.59
CA LYS B 74 -8.19 15.67 -8.48
C LYS B 74 -7.76 14.60 -7.49
N GLY B 75 -8.67 13.67 -7.21
CA GLY B 75 -8.40 12.59 -6.30
C GLY B 75 -8.99 12.81 -4.92
N THR B 76 -8.37 12.15 -3.95
CA THR B 76 -8.73 12.30 -2.54
C THR B 76 -7.55 12.72 -1.68
N LEU B 77 -6.42 13.08 -2.30
CA LEU B 77 -5.21 13.46 -1.58
C LEU B 77 -4.63 14.70 -2.23
N LYS B 78 -4.52 15.78 -1.47
CA LYS B 78 -3.99 17.05 -1.99
C LYS B 78 -2.48 17.02 -1.83
N LYS B 79 -1.81 16.46 -2.83
CA LYS B 79 -0.36 16.32 -2.81
C LYS B 79 0.30 17.45 -3.59
N VAL B 80 1.55 17.71 -3.23
CA VAL B 80 2.32 18.79 -3.83
C VAL B 80 3.78 18.35 -3.93
N CYS B 81 4.29 18.22 -5.15
CA CYS B 81 5.67 17.83 -5.38
C CYS B 81 6.32 18.83 -6.34
N VAL B 82 7.65 18.89 -6.28
CA VAL B 82 8.44 19.74 -7.17
C VAL B 82 9.16 18.85 -8.17
N PHE B 83 9.10 19.22 -9.44
CA PHE B 83 9.66 18.40 -10.51
C PHE B 83 11.16 18.61 -10.62
N HIS B 84 11.88 17.50 -10.76
CA HIS B 84 13.33 17.51 -10.97
C HIS B 84 13.63 17.05 -12.38
N LYS B 85 14.42 17.83 -13.11
CA LYS B 85 14.70 17.53 -14.50
C LYS B 85 15.26 16.12 -14.65
N GLN B 86 14.70 15.39 -15.61
CA GLN B 86 15.08 14.01 -15.88
C GLN B 86 15.77 13.91 -17.23
N ASN B 87 16.28 12.72 -17.54
CA ASN B 87 16.94 12.48 -18.82
C ASN B 87 15.96 12.17 -19.94
N ARG B 88 14.65 12.35 -19.70
CA ARG B 88 13.63 12.19 -20.72
C ARG B 88 12.64 13.35 -20.61
N ASP B 89 11.80 13.49 -21.62
CA ASP B 89 10.71 14.46 -21.58
C ASP B 89 9.58 13.91 -20.73
N VAL B 90 9.10 14.73 -19.78
CA VAL B 90 8.08 14.31 -18.84
C VAL B 90 6.99 15.38 -18.77
N VAL B 91 5.74 14.94 -18.81
CA VAL B 91 4.58 15.83 -18.67
C VAL B 91 3.71 15.28 -17.55
N ALA B 92 2.91 16.17 -16.97
CA ALA B 92 1.96 15.79 -15.93
C ALA B 92 0.58 15.52 -16.54
N SER B 93 -0.20 14.70 -15.84
CA SER B 93 -1.50 14.28 -16.33
C SER B 93 -2.57 15.31 -15.98
N SER B 94 -3.76 15.12 -16.56
CA SER B 94 -4.85 16.08 -16.42
C SER B 94 -5.37 16.19 -14.99
N ASN B 95 -5.03 15.24 -14.12
CA ASN B 95 -5.42 15.29 -12.72
C ASN B 95 -4.47 16.10 -11.86
N ILE B 96 -3.54 16.83 -12.49
CA ILE B 96 -2.50 17.56 -11.79
C ILE B 96 -2.42 18.98 -12.34
N THR B 97 -2.22 19.95 -11.45
CA THR B 97 -2.08 21.35 -11.80
C THR B 97 -0.63 21.76 -11.63
N VAL B 98 -0.05 22.32 -12.69
CA VAL B 98 1.36 22.67 -12.72
C VAL B 98 1.51 24.15 -12.41
N LEU B 99 2.47 24.48 -11.54
CA LEU B 99 2.84 25.86 -11.25
C LEU B 99 4.30 26.06 -11.65
N ARG B 100 4.53 26.99 -12.57
CA ARG B 100 5.87 27.25 -13.08
C ARG B 100 6.35 28.60 -12.54
N PRO B 101 7.20 28.62 -11.52
CA PRO B 101 7.64 29.90 -10.95
C PRO B 101 8.20 30.86 -12.00
N GLN B 102 7.75 32.11 -11.92
CA GLN B 102 8.21 33.18 -12.79
C GLN B 102 9.26 34.06 -12.11
N LYS B 103 8.99 34.46 -10.88
CA LYS B 103 9.84 35.43 -10.19
C LYS B 103 9.68 35.22 -8.69
N LEU B 104 10.65 35.75 -7.94
CA LEU B 104 10.54 35.87 -6.49
C LEU B 104 10.54 34.54 -5.75
N LEU B 105 9.56 33.67 -6.02
CA LEU B 105 9.38 32.46 -5.23
C LEU B 105 10.05 31.26 -5.89
N ARG B 106 10.61 30.38 -5.07
CA ARG B 106 11.14 29.10 -5.52
C ARG B 106 10.03 28.06 -5.54
N GLY B 107 10.13 27.11 -6.47
CA GLY B 107 9.17 26.02 -6.51
C GLY B 107 9.04 25.32 -5.17
N TYR B 108 10.17 25.00 -4.54
CA TYR B 108 10.13 24.31 -3.25
C TYR B 108 9.60 25.21 -2.15
N TYR B 109 9.83 26.53 -2.24
CA TYR B 109 9.29 27.43 -1.24
C TYR B 109 7.76 27.45 -1.31
N ILE B 110 7.21 27.44 -2.52
CA ILE B 110 5.77 27.29 -2.69
C ILE B 110 5.32 25.92 -2.18
N LYS B 111 6.16 24.90 -2.31
CA LYS B 111 5.81 23.57 -1.82
C LYS B 111 5.72 23.57 -0.30
N PHE B 112 6.68 24.22 0.37
CA PHE B 112 6.63 24.30 1.83
C PHE B 112 5.37 25.05 2.29
N PHE B 113 5.06 26.17 1.64
CA PHE B 113 3.93 26.97 2.07
C PHE B 113 2.62 26.20 1.92
N LEU B 114 2.44 25.53 0.77
CA LEU B 114 1.24 24.74 0.57
C LEU B 114 1.23 23.47 1.41
N ASP B 115 2.37 23.08 1.97
CA ASP B 115 2.44 21.97 2.91
C ASP B 115 2.32 22.40 4.37
N SER B 116 2.12 23.70 4.62
CA SER B 116 2.03 24.26 5.96
C SER B 116 0.59 24.24 6.45
N PRO B 117 0.38 24.32 7.77
CA PRO B 117 -1.00 24.36 8.29
C PRO B 117 -1.90 25.35 7.56
N ILE B 118 -1.39 26.55 7.27
CA ILE B 118 -2.21 27.53 6.56
C ILE B 118 -2.35 27.16 5.09
N GLY B 119 -1.29 26.61 4.50
CA GLY B 119 -1.36 26.19 3.12
C GLY B 119 -2.48 25.20 2.85
N GLN B 120 -2.60 24.18 3.71
CA GLN B 120 -3.67 23.20 3.53
C GLN B 120 -5.04 23.86 3.67
N ALA B 121 -5.17 24.76 4.64
CA ALA B 121 -6.44 25.47 4.82
C ALA B 121 -6.80 26.25 3.55
N LEU B 122 -5.83 26.97 2.98
CA LEU B 122 -6.07 27.72 1.76
C LEU B 122 -6.32 26.80 0.57
N LEU B 123 -5.69 25.62 0.57
CA LEU B 123 -5.93 24.66 -0.52
C LEU B 123 -7.31 24.01 -0.38
N ASP B 124 -7.74 23.73 0.85
CA ASP B 124 -9.07 23.16 1.05
C ASP B 124 -10.15 24.19 0.80
N ALA B 125 -9.86 25.47 1.04
CA ALA B 125 -10.84 26.52 0.77
C ALA B 125 -11.05 26.73 -0.72
N ALA B 126 -10.09 26.33 -1.55
CA ALA B 126 -10.21 26.41 -2.99
C ALA B 126 -10.79 25.14 -3.61
N ASP B 127 -11.19 24.18 -2.78
CA ASP B 127 -11.68 22.88 -3.25
C ASP B 127 -13.18 22.95 -3.52
N HIS B 128 -13.60 22.49 -4.69
CA HIS B 128 -15.00 22.46 -5.07
C HIS B 128 -15.60 21.05 -4.96
N GLY B 129 -14.93 20.14 -4.27
CA GLY B 129 -15.39 18.76 -4.16
C GLY B 129 -15.59 18.35 -2.71
N LYS B 130 -16.71 17.68 -2.44
CA LYS B 130 -16.99 17.20 -1.09
C LYS B 130 -16.16 15.97 -0.76
N ASP B 131 -16.40 14.86 -1.47
CA ASP B 131 -15.66 13.63 -1.25
C ASP B 131 -14.37 13.58 -2.07
N VAL B 132 -14.45 13.94 -3.35
CA VAL B 132 -13.28 13.97 -4.23
C VAL B 132 -12.71 15.38 -4.21
N ILE B 133 -11.57 15.58 -4.87
CA ILE B 133 -10.97 16.90 -5.02
C ILE B 133 -11.38 17.45 -6.38
N ASN B 134 -11.82 18.72 -6.40
CA ASN B 134 -12.06 19.45 -7.64
C ASN B 134 -11.52 20.88 -7.43
N LEU B 135 -10.20 21.00 -7.45
CA LEU B 135 -9.54 22.26 -7.13
C LEU B 135 -9.95 23.35 -8.13
N SER B 136 -10.15 24.56 -7.62
CA SER B 136 -10.50 25.72 -8.43
C SER B 136 -9.23 26.50 -8.75
N THR B 137 -8.85 26.52 -10.03
CA THR B 137 -7.61 27.18 -10.42
C THR B 137 -7.63 28.67 -10.04
N LYS B 138 -8.79 29.33 -10.20
CA LYS B 138 -8.86 30.75 -9.86
C LYS B 138 -8.60 30.96 -8.38
N GLU B 139 -9.29 30.21 -7.51
CA GLU B 139 -9.08 30.35 -6.08
C GLU B 139 -7.67 29.93 -5.68
N LEU B 140 -7.13 28.88 -6.33
CA LEU B 140 -5.75 28.49 -6.08
C LEU B 140 -4.80 29.66 -6.33
N LEU B 141 -4.99 30.37 -7.44
CA LEU B 141 -4.08 31.44 -7.82
C LEU B 141 -4.27 32.71 -6.99
N ASP B 142 -5.31 32.79 -6.17
CA ASP B 142 -5.50 33.91 -5.27
C ASP B 142 -4.80 33.71 -3.93
N ILE B 143 -4.03 32.65 -3.77
CA ILE B 143 -3.42 32.33 -2.48
C ILE B 143 -2.24 33.26 -2.25
N PRO B 144 -2.18 33.96 -1.10
CA PRO B 144 -1.04 34.85 -0.84
C PRO B 144 0.11 34.13 -0.13
N ILE B 145 1.32 34.30 -0.61
CA ILE B 145 2.51 33.66 -0.05
C ILE B 145 3.44 34.73 0.48
N PRO B 146 3.95 34.61 1.70
CA PRO B 146 5.03 35.51 2.12
C PRO B 146 6.21 35.44 1.17
N VAL B 147 6.79 36.61 0.90
CA VAL B 147 7.84 36.77 -0.09
C VAL B 147 9.12 37.14 0.67
N ILE B 148 10.14 36.31 0.55
CA ILE B 148 11.39 36.54 1.29
C ILE B 148 12.57 36.58 0.33
N PRO B 149 13.77 36.93 0.81
CA PRO B 149 14.94 36.94 -0.08
C PRO B 149 15.14 35.61 -0.80
N LEU B 150 15.63 35.69 -2.04
CA LEU B 150 15.82 34.49 -2.84
C LEU B 150 16.94 33.61 -2.30
N VAL B 151 17.99 34.21 -1.73
CA VAL B 151 19.07 33.41 -1.16
C VAL B 151 18.61 32.75 0.14
N LYS B 152 17.63 33.35 0.83
CA LYS B 152 17.13 32.73 2.05
C LYS B 152 16.26 31.53 1.72
N GLN B 153 15.43 31.64 0.68
CA GLN B 153 14.70 30.47 0.20
C GLN B 153 15.66 29.36 -0.21
N ASP B 154 16.67 29.70 -1.01
CA ASP B 154 17.65 28.71 -1.45
C ASP B 154 18.34 28.05 -0.26
N TYR B 155 18.60 28.81 0.80
CA TYR B 155 19.28 28.26 1.96
C TYR B 155 18.40 27.25 2.69
N LEU B 156 17.11 27.55 2.85
CA LEU B 156 16.20 26.58 3.44
C LEU B 156 15.95 25.41 2.50
N ILE B 157 15.96 25.66 1.19
CA ILE B 157 15.77 24.58 0.23
C ILE B 157 17.02 23.70 0.16
N ASN B 158 18.20 24.31 0.25
CA ASN B 158 19.43 23.52 0.23
C ASN B 158 19.49 22.58 1.41
N HIS B 159 19.04 23.04 2.58
CA HIS B 159 19.05 22.15 3.75
C HIS B 159 17.89 21.17 3.73
N TYR B 160 16.71 21.62 3.29
CA TYR B 160 15.60 20.68 3.11
C TYR B 160 16.02 19.53 2.21
N LEU B 161 16.67 19.85 1.09
CA LEU B 161 17.14 18.80 0.18
C LEU B 161 18.20 17.94 0.85
N ARG B 162 19.06 18.53 1.69
CA ARG B 162 20.05 17.74 2.41
C ARG B 162 19.38 16.73 3.32
N GLY B 163 18.32 17.15 4.02
CA GLY B 163 17.61 16.22 4.89
C GLY B 163 16.88 15.14 4.13
N LEU B 164 16.31 15.49 2.96
CA LEU B 164 15.62 14.49 2.15
C LEU B 164 16.60 13.45 1.62
N THR B 165 17.76 13.89 1.12
CA THR B 165 18.77 12.96 0.64
C THR B 165 19.36 12.15 1.79
N ASP B 166 19.56 12.79 2.94
CA ASP B 166 20.03 12.07 4.12
C ASP B 166 18.97 11.12 4.65
N TYR B 167 17.70 11.49 4.51
CA TYR B 167 16.61 10.59 4.90
C TYR B 167 16.66 9.30 4.09
N HIS B 168 17.03 9.39 2.81
CA HIS B 168 17.14 8.20 1.98
C HIS B 168 18.42 7.43 2.26
N ARG B 169 19.53 8.15 2.55
CA ARG B 169 20.73 7.48 3.04
C ARG B 169 20.39 6.56 4.20
N LYS B 170 19.83 7.13 5.27
CA LYS B 170 19.56 6.37 6.48
C LYS B 170 18.63 5.19 6.21
N LEU B 171 17.53 5.44 5.48
CA LEU B 171 16.57 4.36 5.22
C LEU B 171 17.21 3.23 4.43
N ASN B 172 17.96 3.56 3.37
CA ASN B 172 18.60 2.53 2.56
C ASN B 172 19.66 1.78 3.36
N ARG B 173 20.40 2.49 4.21
CA ARG B 173 21.41 1.82 5.03
C ARG B 173 20.79 0.95 6.10
N ALA B 174 19.69 1.42 6.71
CA ALA B 174 18.99 0.60 7.70
C ALA B 174 18.45 -0.67 7.06
N GLU B 175 17.94 -0.56 5.83
CA GLU B 175 17.44 -1.74 5.11
C GLU B 175 18.60 -2.61 4.62
N GLN B 176 19.70 -1.98 4.19
CA GLN B 176 20.85 -2.75 3.73
C GLN B 176 21.49 -3.55 4.86
N GLU B 177 21.49 -3.01 6.08
CA GLU B 177 22.04 -3.75 7.21
C GLU B 177 21.13 -4.90 7.63
N TRP B 178 19.83 -4.62 7.79
CA TRP B 178 18.88 -5.66 8.17
C TRP B 178 18.89 -6.80 7.17
N GLU B 179 19.10 -6.50 5.89
CA GLU B 179 19.21 -7.56 4.89
C GLU B 179 20.51 -8.36 5.05
N TYR B 180 21.57 -7.71 5.53
CA TYR B 180 22.82 -8.43 5.74
C TYR B 180 22.73 -9.36 6.94
N ILE B 181 22.19 -8.88 8.06
CA ILE B 181 21.96 -9.75 9.22
C ILE B 181 21.09 -10.93 8.81
N GLN B 182 19.99 -10.65 8.10
CA GLN B 182 19.11 -11.71 7.63
C GLN B 182 19.89 -12.79 6.89
N ASN B 183 20.82 -12.38 6.01
CA ASN B 183 21.57 -13.33 5.21
C ASN B 183 22.73 -13.95 5.99
N GLU B 184 23.27 -13.22 6.98
CA GLU B 184 24.27 -13.82 7.86
C GLU B 184 23.70 -15.03 8.58
N ILE B 185 22.38 -15.05 8.80
CA ILE B 185 21.72 -16.16 9.49
C ILE B 185 21.41 -17.28 8.50
N GLN B 186 20.82 -16.94 7.36
CA GLN B 186 20.48 -17.95 6.37
C GLN B 186 21.70 -18.77 5.96
N LYS B 187 22.83 -18.10 5.72
CA LYS B 187 24.06 -18.82 5.42
C LYS B 187 24.51 -19.68 6.59
N GLY B 188 24.27 -19.21 7.82
CA GLY B 188 24.63 -19.99 8.99
C GLY B 188 23.98 -21.36 9.03
N LEU B 189 22.87 -21.53 8.32
CA LEU B 189 22.13 -22.79 8.33
C LEU B 189 22.35 -23.55 7.03
N MET C 1 -19.47 -19.95 16.87
CA MET C 1 -20.22 -20.79 15.89
C MET C 1 -19.29 -21.82 15.27
N LEU C 2 -19.77 -23.06 15.17
CA LEU C 2 -18.99 -24.16 14.60
C LEU C 2 -19.26 -24.24 13.11
N TYR C 3 -18.19 -24.40 12.33
CA TYR C 3 -18.26 -24.57 10.89
C TYR C 3 -17.79 -25.96 10.51
N ILE C 4 -18.11 -26.37 9.28
CA ILE C 4 -17.84 -27.73 8.85
C ILE C 4 -16.36 -28.02 8.78
N ASP C 5 -15.51 -27.00 8.61
CA ASP C 5 -14.07 -27.22 8.59
C ASP C 5 -13.52 -27.49 9.98
N GLU C 6 -14.07 -26.81 11.00
CA GLU C 6 -13.57 -26.98 12.36
C GLU C 6 -13.97 -28.34 12.92
N PHE C 7 -15.19 -28.80 12.60
CA PHE C 7 -15.62 -30.14 13.01
C PHE C 7 -14.82 -31.21 12.28
N LYS C 8 -14.68 -31.07 10.96
CA LYS C 8 -13.85 -31.99 10.18
C LYS C 8 -12.47 -32.12 10.80
N GLU C 9 -11.82 -30.97 11.07
CA GLU C 9 -10.45 -31.00 11.55
C GLU C 9 -10.33 -31.78 12.85
N ALA C 10 -11.28 -31.59 13.77
CA ALA C 10 -11.22 -32.29 15.05
C ALA C 10 -11.40 -33.79 14.87
N ILE C 11 -12.06 -34.21 13.79
CA ILE C 11 -12.21 -35.64 13.52
C ILE C 11 -10.91 -36.21 12.98
N ASP C 12 -10.26 -35.50 12.06
CA ASP C 12 -9.02 -35.99 11.45
C ASP C 12 -7.82 -35.85 12.38
N LYS C 13 -7.87 -34.94 13.35
CA LYS C 13 -6.81 -34.83 14.34
C LYS C 13 -6.87 -35.93 15.39
N GLY C 14 -7.97 -36.68 15.43
CA GLY C 14 -8.16 -37.68 16.46
C GLY C 14 -8.78 -37.16 17.74
N TYR C 15 -9.33 -35.95 17.72
CA TYR C 15 -9.95 -35.40 18.92
C TYR C 15 -11.39 -35.88 19.07
N ILE C 16 -12.08 -36.13 17.97
CA ILE C 16 -13.43 -36.70 17.99
C ILE C 16 -13.30 -38.15 17.54
N LEU C 17 -13.26 -39.07 18.51
CA LEU C 17 -13.17 -40.49 18.23
C LEU C 17 -14.50 -41.16 18.52
N GLY C 18 -14.70 -42.33 17.92
CA GLY C 18 -15.95 -43.04 18.06
C GLY C 18 -16.98 -42.59 17.04
N ASP C 19 -18.16 -43.20 17.13
CA ASP C 19 -19.25 -42.91 16.22
C ASP C 19 -20.19 -41.84 16.75
N THR C 20 -19.94 -41.32 17.95
CA THR C 20 -20.77 -40.28 18.54
C THR C 20 -19.90 -39.14 19.04
N VAL C 21 -20.54 -38.00 19.31
CA VAL C 21 -19.87 -36.80 19.77
C VAL C 21 -20.86 -35.97 20.56
N ALA C 22 -20.35 -35.25 21.55
CA ALA C 22 -21.16 -34.32 22.33
C ALA C 22 -21.36 -33.03 21.54
N ILE C 23 -22.60 -32.57 21.47
CA ILE C 23 -22.98 -31.41 20.67
C ILE C 23 -23.82 -30.47 21.51
N VAL C 24 -23.42 -29.21 21.59
CA VAL C 24 -24.23 -28.18 22.22
C VAL C 24 -25.08 -27.50 21.15
N ARG C 25 -26.36 -27.35 21.45
CA ARG C 25 -27.31 -26.75 20.52
C ARG C 25 -27.90 -25.49 21.13
N LYS C 26 -27.79 -24.38 20.40
CA LYS C 26 -28.42 -23.12 20.78
C LYS C 26 -29.63 -22.88 19.87
N ASN C 27 -30.78 -22.62 20.49
CA ASN C 27 -32.01 -22.37 19.76
C ASN C 27 -32.28 -23.46 18.72
N GLY C 28 -31.91 -24.69 19.07
CA GLY C 28 -32.16 -25.84 18.23
C GLY C 28 -31.10 -26.13 17.19
N LYS C 29 -30.22 -25.17 16.90
CA LYS C 29 -29.20 -25.33 15.88
C LYS C 29 -27.89 -25.77 16.52
N ILE C 30 -27.05 -26.45 15.73
CA ILE C 30 -25.74 -26.87 16.21
C ILE C 30 -24.88 -25.64 16.45
N PHE C 31 -24.36 -25.49 17.67
CA PHE C 31 -23.49 -24.39 18.05
C PHE C 31 -22.04 -24.81 18.23
N ASP C 32 -21.79 -25.97 18.83
CA ASP C 32 -20.42 -26.42 19.06
C ASP C 32 -20.43 -27.90 19.42
N TYR C 33 -19.25 -28.49 19.39
CA TYR C 33 -19.00 -29.82 19.93
C TYR C 33 -18.24 -29.69 21.23
N VAL C 34 -18.24 -30.77 22.02
CA VAL C 34 -17.58 -30.81 23.32
C VAL C 34 -16.71 -32.04 23.37
N LEU C 35 -15.40 -31.86 23.57
CA LEU C 35 -14.46 -32.96 23.66
C LEU C 35 -14.39 -33.47 25.10
N PRO C 36 -13.79 -34.65 25.31
CA PRO C 36 -13.88 -35.30 26.63
C PRO C 36 -13.59 -34.41 27.83
N HIS C 37 -12.63 -33.49 27.74
CA HIS C 37 -12.17 -32.74 28.91
C HIS C 37 -12.51 -31.26 28.86
N GLU C 38 -13.50 -30.87 28.07
CA GLU C 38 -13.90 -29.48 27.96
C GLU C 38 -15.07 -29.19 28.89
N LYS C 39 -15.14 -27.94 29.36
CA LYS C 39 -16.12 -27.53 30.36
C LYS C 39 -17.33 -26.91 29.66
N VAL C 40 -18.50 -27.45 29.95
CA VAL C 40 -19.77 -26.96 29.40
C VAL C 40 -20.34 -25.93 30.34
N ARG C 41 -20.77 -24.80 29.78
CA ARG C 41 -21.47 -23.81 30.60
C ARG C 41 -22.70 -24.46 31.23
N ASP C 42 -23.08 -23.94 32.40
CA ASP C 42 -24.29 -24.46 33.05
C ASP C 42 -25.50 -24.35 32.13
N ASP C 43 -25.56 -23.29 31.33
CA ASP C 43 -26.75 -22.97 30.56
C ASP C 43 -26.76 -23.56 29.15
N GLU C 44 -25.90 -24.53 28.87
CA GLU C 44 -25.80 -25.10 27.53
C GLU C 44 -26.32 -26.52 27.50
N VAL C 45 -26.95 -26.89 26.38
CA VAL C 45 -27.70 -28.13 26.24
C VAL C 45 -26.85 -29.09 25.41
N VAL C 46 -26.32 -30.12 26.07
CA VAL C 46 -25.46 -31.10 25.43
C VAL C 46 -26.28 -32.32 25.05
N THR C 47 -26.18 -32.73 23.79
CA THR C 47 -26.78 -33.96 23.29
C THR C 47 -25.69 -34.77 22.59
N VAL C 48 -25.71 -36.09 22.80
CA VAL C 48 -24.72 -36.98 22.20
C VAL C 48 -25.30 -37.54 20.91
N GLU C 49 -24.66 -37.20 19.79
CA GLU C 49 -25.16 -37.50 18.46
C GLU C 49 -24.09 -38.22 17.66
N ARG C 50 -24.50 -38.81 16.53
CA ARG C 50 -23.58 -39.52 15.67
C ARG C 50 -22.82 -38.56 14.78
N VAL C 51 -21.52 -38.82 14.60
CA VAL C 51 -20.66 -37.90 13.87
C VAL C 51 -21.06 -37.84 12.40
N GLU C 52 -21.29 -39.01 11.78
CA GLU C 52 -21.76 -39.03 10.40
C GLU C 52 -22.99 -38.15 10.23
N GLU C 53 -23.91 -38.20 11.20
CA GLU C 53 -25.13 -37.41 11.11
C GLU C 53 -24.90 -35.93 11.40
N VAL C 54 -23.96 -35.61 12.29
CA VAL C 54 -23.65 -34.21 12.55
C VAL C 54 -22.84 -33.62 11.41
N MET C 55 -22.09 -34.45 10.69
CA MET C 55 -21.32 -33.96 9.54
C MET C 55 -22.25 -33.52 8.43
N VAL C 56 -23.36 -34.23 8.22
CA VAL C 56 -24.25 -33.92 7.12
C VAL C 56 -25.18 -32.76 7.47
N GLU C 57 -25.50 -32.58 8.75
CA GLU C 57 -26.35 -31.46 9.14
C GLU C 57 -25.63 -30.13 8.92
N LEU C 58 -24.33 -30.09 9.21
CA LEU C 58 -23.56 -28.88 8.93
C LEU C 58 -23.31 -28.70 7.44
N ASP C 59 -23.23 -29.81 6.70
CA ASP C 59 -23.03 -29.73 5.26
C ASP C 59 -24.07 -28.84 4.60
N LYS C 60 -25.34 -28.99 5.00
CA LYS C 60 -26.42 -28.22 4.42
C LYS C 60 -26.17 -26.71 4.56
N ARG D 5 22.41 -33.75 6.81
CA ARG D 5 22.00 -33.44 8.17
C ARG D 5 20.81 -34.28 8.64
N GLU D 6 20.78 -34.69 9.92
CA GLU D 6 19.55 -35.25 10.48
C GLU D 6 18.40 -34.28 10.29
N LYS D 7 17.22 -34.81 9.97
CA LYS D 7 16.08 -33.94 9.80
C LYS D 7 14.88 -34.60 10.44
N VAL D 8 14.04 -33.78 11.06
CA VAL D 8 12.75 -34.22 11.57
C VAL D 8 11.68 -33.66 10.64
N THR D 9 10.63 -34.45 10.43
CA THR D 9 9.50 -34.01 9.62
C THR D 9 8.62 -33.09 10.45
N LEU D 10 8.13 -32.01 9.81
CA LEU D 10 7.49 -30.93 10.56
C LEU D 10 6.34 -31.44 11.41
N GLY D 11 5.60 -32.44 10.92
CA GLY D 11 4.47 -32.96 11.66
C GLY D 11 4.84 -33.77 12.89
N THR D 12 6.10 -34.15 13.04
CA THR D 12 6.53 -34.91 14.20
C THR D 12 6.92 -34.03 15.38
N VAL D 13 7.03 -32.71 15.19
CA VAL D 13 7.51 -31.81 16.22
C VAL D 13 6.57 -30.64 16.48
N VAL D 14 5.41 -30.57 15.83
CA VAL D 14 4.48 -29.47 16.03
C VAL D 14 3.05 -30.00 16.11
N ASP D 15 2.20 -29.22 16.78
CA ASP D 15 0.76 -29.38 16.73
C ASP D 15 0.23 -28.36 15.72
N CYS D 16 -0.49 -28.84 14.70
CA CYS D 16 -0.91 -28.02 13.59
C CYS D 16 -2.43 -27.96 13.53
N PHE D 17 -2.97 -26.74 13.44
CA PHE D 17 -4.40 -26.54 13.31
C PHE D 17 -4.64 -25.24 12.55
N LYS D 18 -5.68 -25.25 11.71
CA LYS D 18 -6.09 -24.03 11.03
C LYS D 18 -6.79 -23.09 12.01
N GLY D 19 -6.86 -21.82 11.63
CA GLY D 19 -7.47 -20.82 12.48
C GLY D 19 -8.98 -20.81 12.41
N LYS D 20 -9.57 -20.03 13.32
CA LYS D 20 -11.02 -19.97 13.46
C LYS D 20 -11.63 -19.15 12.33
N ALA D 21 -12.76 -19.62 11.82
CA ALA D 21 -13.53 -18.89 10.82
C ALA D 21 -14.44 -17.90 11.52
N VAL D 22 -14.23 -16.61 11.28
CA VAL D 22 -14.99 -15.54 11.92
C VAL D 22 -15.66 -14.72 10.84
N SER D 23 -16.98 -14.58 10.94
CA SER D 23 -17.74 -13.80 9.98
C SER D 23 -17.52 -12.30 10.22
N SER D 24 -17.65 -11.51 9.16
CA SER D 24 -17.54 -10.06 9.31
C SER D 24 -18.53 -9.53 10.33
N LYS D 25 -19.57 -10.30 10.64
CA LYS D 25 -20.57 -9.93 11.64
C LYS D 25 -20.15 -10.52 12.99
N VAL D 26 -19.33 -9.77 13.72
CA VAL D 26 -18.99 -10.11 15.10
C VAL D 26 -18.94 -8.82 15.91
N VAL D 27 -19.39 -8.89 17.15
CA VAL D 27 -19.28 -7.76 18.06
C VAL D 27 -17.82 -7.49 18.36
N PRO D 28 -17.26 -6.35 17.92
CA PRO D 28 -15.89 -6.01 18.36
C PRO D 28 -15.80 -6.12 19.87
N GLY D 29 -15.16 -7.17 20.36
CA GLY D 29 -15.19 -7.50 21.77
C GLY D 29 -13.83 -7.46 22.43
N ASP D 30 -13.38 -8.61 22.91
CA ASP D 30 -12.14 -8.68 23.69
C ASP D 30 -11.02 -9.43 23.00
N VAL D 31 -11.29 -10.49 22.26
CA VAL D 31 -10.23 -11.31 21.68
C VAL D 31 -9.85 -10.74 20.32
N GLY D 32 -8.54 -10.58 20.09
CA GLY D 32 -8.06 -10.07 18.83
C GLY D 32 -7.96 -11.15 17.78
N LEU D 33 -7.92 -10.71 16.53
CA LEU D 33 -7.87 -11.62 15.38
C LEU D 33 -6.70 -11.23 14.50
N ILE D 34 -5.93 -12.23 14.06
CA ILE D 34 -4.85 -12.03 13.11
C ILE D 34 -5.36 -12.48 11.75
N ASN D 35 -5.28 -11.60 10.76
CA ASN D 35 -5.71 -11.86 9.41
C ASN D 35 -4.51 -11.72 8.46
N LEU D 36 -4.73 -12.08 7.20
CA LEU D 36 -3.68 -11.94 6.21
C LEU D 36 -3.13 -10.52 6.18
N SER D 37 -3.99 -9.53 6.39
CA SER D 37 -3.55 -8.14 6.32
C SER D 37 -2.74 -7.71 7.53
N ASP D 38 -2.80 -8.46 8.63
CA ASP D 38 -2.00 -8.15 9.82
C ASP D 38 -0.68 -8.89 9.85
N MET D 39 -0.42 -9.76 8.87
CA MET D 39 0.86 -10.47 8.76
C MET D 39 1.79 -9.58 7.96
N GLY D 40 2.61 -8.80 8.64
CA GLY D 40 3.59 -7.99 7.95
C GLY D 40 4.86 -8.75 7.65
N THR D 41 5.73 -8.12 6.86
CA THR D 41 7.03 -8.72 6.58
C THR D 41 7.95 -8.62 7.78
N LEU D 42 7.72 -7.67 8.69
CA LEU D 42 8.53 -7.46 9.87
C LEU D 42 7.87 -8.02 11.13
N GLY D 43 6.86 -8.88 10.97
CA GLY D 43 6.10 -9.43 12.06
C GLY D 43 4.63 -9.08 11.93
N ILE D 44 3.87 -9.45 12.96
CA ILE D 44 2.43 -9.21 12.98
C ILE D 44 2.17 -7.77 13.40
N GLN D 45 1.20 -7.13 12.74
CA GLN D 45 0.81 -5.75 13.04
C GLN D 45 -0.25 -5.81 14.14
N TYR D 46 0.23 -5.95 15.38
CA TYR D 46 -0.67 -6.14 16.51
C TYR D 46 -1.56 -4.94 16.78
N HIS D 47 -1.17 -3.76 16.32
CA HIS D 47 -1.93 -2.55 16.65
C HIS D 47 -3.23 -2.44 15.87
N GLN D 48 -3.35 -3.13 14.74
CA GLN D 48 -4.52 -3.03 13.87
C GLN D 48 -5.29 -4.33 13.78
N LEU D 49 -5.23 -5.17 14.81
CA LEU D 49 -5.95 -6.44 14.79
C LEU D 49 -7.44 -6.20 15.06
N ARG D 50 -8.28 -6.94 14.35
CA ARG D 50 -9.72 -6.86 14.53
C ARG D 50 -10.14 -7.64 15.76
N THR D 51 -10.88 -6.99 16.65
CA THR D 51 -11.34 -7.59 17.89
C THR D 51 -12.73 -8.20 17.71
N PHE D 52 -13.06 -9.16 18.57
CA PHE D 52 -14.38 -9.78 18.54
C PHE D 52 -14.57 -10.65 19.79
N GLN D 53 -15.76 -11.26 19.88
CA GLN D 53 -16.19 -12.04 21.02
C GLN D 53 -16.14 -13.53 20.67
N MET D 54 -15.73 -14.34 21.64
CA MET D 54 -15.71 -15.79 21.46
C MET D 54 -15.97 -16.47 22.80
N ASP D 55 -16.73 -17.57 22.75
CA ASP D 55 -17.00 -18.33 23.97
C ASP D 55 -15.71 -18.89 24.55
N ARG D 56 -15.70 -19.10 25.87
CA ARG D 56 -14.51 -19.58 26.54
C ARG D 56 -14.04 -20.91 25.97
N ARG D 57 -14.95 -21.85 25.76
CA ARG D 57 -14.57 -23.18 25.31
C ARG D 57 -13.96 -23.14 23.92
N GLN D 58 -14.68 -22.55 22.95
CA GLN D 58 -14.17 -22.49 21.59
C GLN D 58 -12.93 -21.60 21.50
N LEU D 59 -12.83 -20.60 22.38
CA LEU D 59 -11.65 -19.74 22.40
C LEU D 59 -10.42 -20.52 22.84
N LEU D 60 -10.57 -21.39 23.85
CA LEU D 60 -9.41 -22.06 24.42
C LEU D 60 -8.73 -22.97 23.41
N ARG D 61 -9.48 -23.47 22.42
CA ARG D 61 -8.87 -24.34 21.42
C ARG D 61 -7.98 -23.55 20.47
N TYR D 62 -8.40 -22.36 20.07
CA TYR D 62 -7.71 -21.56 19.08
C TYR D 62 -6.78 -20.52 19.67
N LEU D 63 -6.77 -20.37 21.00
CA LEU D 63 -5.90 -19.40 21.66
C LEU D 63 -4.45 -19.60 21.22
N LEU D 64 -3.79 -18.50 20.89
CA LEU D 64 -2.40 -18.53 20.48
C LEU D 64 -1.48 -18.38 21.68
N GLU D 65 -0.27 -18.94 21.56
CA GLU D 65 0.72 -18.92 22.63
C GLU D 65 2.04 -18.43 22.08
N ASP D 66 2.86 -17.87 22.97
CA ASP D 66 4.17 -17.34 22.58
C ASP D 66 4.96 -18.38 21.78
N GLY D 67 5.35 -18.00 20.57
CA GLY D 67 6.21 -18.83 19.75
C GLY D 67 5.52 -19.59 18.63
N ASP D 68 4.22 -19.44 18.48
CA ASP D 68 3.50 -20.15 17.41
C ASP D 68 3.86 -19.55 16.06
N VAL D 69 3.98 -20.42 15.05
CA VAL D 69 4.30 -20.01 13.69
C VAL D 69 3.00 -19.91 12.90
N LEU D 70 2.70 -18.73 12.38
CA LEU D 70 1.52 -18.50 11.56
C LEU D 70 1.93 -18.55 10.09
N ILE D 71 1.24 -19.38 9.32
CA ILE D 71 1.51 -19.55 7.90
C ILE D 71 0.25 -19.18 7.13
N ALA D 72 0.42 -18.37 6.08
CA ALA D 72 -0.69 -18.00 5.21
C ALA D 72 -1.05 -19.19 4.33
N SER D 73 -2.11 -19.91 4.71
CA SER D 73 -2.58 -21.05 3.93
C SER D 73 -3.57 -20.65 2.85
N LYS D 74 -3.97 -19.39 2.79
CA LYS D 74 -4.79 -18.83 1.73
C LYS D 74 -4.17 -17.49 1.33
N GLY D 75 -4.75 -16.85 0.32
CA GLY D 75 -4.27 -15.55 -0.13
C GLY D 75 -3.43 -15.61 -1.38
N THR D 76 -2.61 -14.58 -1.56
CA THR D 76 -1.79 -14.46 -2.76
C THR D 76 -0.29 -14.53 -2.50
N LEU D 77 0.16 -14.48 -1.25
CA LEU D 77 1.57 -14.57 -0.92
C LEU D 77 1.74 -15.37 0.36
N LYS D 78 2.76 -16.24 0.38
CA LYS D 78 2.96 -17.17 1.48
C LYS D 78 3.81 -16.51 2.56
N LYS D 79 3.15 -15.86 3.50
CA LYS D 79 3.80 -15.16 4.59
C LYS D 79 3.91 -16.07 5.82
N VAL D 80 4.96 -15.87 6.60
CA VAL D 80 5.26 -16.71 7.75
C VAL D 80 5.69 -15.81 8.90
N CYS D 81 4.97 -15.87 10.02
CA CYS D 81 5.25 -15.04 11.18
C CYS D 81 5.29 -15.91 12.43
N VAL D 82 5.92 -15.37 13.48
CA VAL D 82 5.97 -15.99 14.79
C VAL D 82 5.16 -15.13 15.75
N PHE D 83 4.33 -15.78 16.57
CA PHE D 83 3.45 -15.06 17.48
C PHE D 83 4.19 -14.66 18.74
N HIS D 84 4.03 -13.40 19.15
CA HIS D 84 4.55 -12.89 20.40
C HIS D 84 3.40 -12.66 21.37
N LYS D 85 3.52 -13.19 22.58
CA LYS D 85 2.44 -13.09 23.55
C LYS D 85 2.02 -11.64 23.71
N GLN D 86 0.70 -11.41 23.70
CA GLN D 86 0.12 -10.08 23.70
C GLN D 86 -0.57 -9.81 25.03
N ASN D 87 -1.05 -8.57 25.18
CA ASN D 87 -1.77 -8.16 26.38
C ASN D 87 -3.20 -8.68 26.41
N ARG D 88 -3.65 -9.37 25.37
CA ARG D 88 -5.00 -9.93 25.32
C ARG D 88 -4.96 -11.26 24.59
N ASP D 89 -6.09 -11.96 24.62
CA ASP D 89 -6.20 -13.22 23.90
C ASP D 89 -6.26 -12.96 22.40
N VAL D 90 -5.44 -13.68 21.63
CA VAL D 90 -5.35 -13.49 20.20
C VAL D 90 -5.47 -14.86 19.53
N VAL D 91 -6.24 -14.91 18.45
CA VAL D 91 -6.42 -16.12 17.65
C VAL D 91 -6.10 -15.79 16.21
N ALA D 92 -5.71 -16.82 15.46
CA ALA D 92 -5.49 -16.70 14.03
C ALA D 92 -6.77 -17.02 13.27
N SER D 93 -6.91 -16.42 12.09
CA SER D 93 -8.10 -16.60 11.29
C SER D 93 -7.98 -17.87 10.44
N SER D 94 -9.11 -18.27 9.84
CA SER D 94 -9.17 -19.51 9.07
C SER D 94 -8.29 -19.49 7.83
N ASN D 95 -7.79 -18.33 7.42
CA ASN D 95 -6.87 -18.27 6.30
C ASN D 95 -5.42 -18.54 6.70
N ILE D 96 -5.19 -18.88 7.97
CA ILE D 96 -3.84 -19.05 8.51
C ILE D 96 -3.72 -20.45 9.09
N THR D 97 -2.55 -21.05 8.92
CA THR D 97 -2.23 -22.35 9.50
C THR D 97 -1.24 -22.14 10.65
N VAL D 98 -1.56 -22.70 11.81
CA VAL D 98 -0.78 -22.49 13.03
C VAL D 98 0.11 -23.70 13.25
N LEU D 99 1.38 -23.43 13.59
CA LEU D 99 2.34 -24.46 13.97
C LEU D 99 2.81 -24.17 15.39
N ARG D 100 2.51 -25.07 16.32
CA ARG D 100 2.89 -24.92 17.71
C ARG D 100 4.04 -25.85 18.04
N PRO D 101 5.27 -25.35 18.14
CA PRO D 101 6.41 -26.23 18.44
C PRO D 101 6.19 -27.11 19.66
N GLN D 102 6.49 -28.40 19.50
CA GLN D 102 6.46 -29.38 20.58
C GLN D 102 7.83 -29.54 21.23
N LYS D 103 8.82 -29.91 20.41
CA LYS D 103 10.14 -30.24 20.90
C LYS D 103 11.16 -29.93 19.80
N LEU D 104 12.42 -29.88 20.19
CA LEU D 104 13.55 -29.79 19.27
C LEU D 104 13.67 -28.45 18.56
N LEU D 105 12.66 -28.08 17.77
CA LEU D 105 12.76 -26.89 16.92
C LEU D 105 12.11 -25.69 17.58
N ARG D 106 12.74 -24.53 17.40
CA ARG D 106 12.17 -23.26 17.84
C ARG D 106 11.25 -22.69 16.77
N GLY D 107 10.23 -21.97 17.22
CA GLY D 107 9.30 -21.35 16.27
C GLY D 107 10.01 -20.48 15.25
N TYR D 108 10.91 -19.61 15.72
CA TYR D 108 11.63 -18.74 14.81
C TYR D 108 12.59 -19.52 13.91
N TYR D 109 13.10 -20.65 14.39
CA TYR D 109 13.96 -21.47 13.54
C TYR D 109 13.17 -22.05 12.38
N ILE D 110 11.93 -22.50 12.65
CA ILE D 110 11.05 -22.94 11.58
C ILE D 110 10.73 -21.77 10.66
N LYS D 111 10.66 -20.55 11.20
CA LYS D 111 10.39 -19.37 10.39
C LYS D 111 11.51 -19.10 9.40
N PHE D 112 12.76 -19.14 9.88
CA PHE D 112 13.90 -18.98 8.99
C PHE D 112 13.85 -19.99 7.86
N PHE D 113 13.60 -21.26 8.20
CA PHE D 113 13.70 -22.33 7.21
C PHE D 113 12.65 -22.15 6.10
N LEU D 114 11.41 -21.87 6.48
CA LEU D 114 10.35 -21.71 5.48
C LEU D 114 10.54 -20.47 4.63
N ASP D 115 11.35 -19.50 5.09
CA ASP D 115 11.65 -18.30 4.34
C ASP D 115 12.95 -18.40 3.56
N SER D 116 13.59 -19.58 3.56
CA SER D 116 14.83 -19.83 2.86
C SER D 116 14.55 -20.29 1.43
N PRO D 117 15.54 -20.19 0.54
CA PRO D 117 15.33 -20.67 -0.84
C PRO D 117 14.71 -22.06 -0.91
N ILE D 118 15.14 -22.97 -0.03
CA ILE D 118 14.56 -24.31 -0.02
C ILE D 118 13.17 -24.29 0.60
N GLY D 119 12.98 -23.51 1.66
CA GLY D 119 11.68 -23.45 2.30
C GLY D 119 10.58 -23.06 1.33
N GLN D 120 10.82 -22.05 0.50
CA GLN D 120 9.81 -21.64 -0.48
C GLN D 120 9.55 -22.77 -1.47
N ALA D 121 10.59 -23.45 -1.93
CA ALA D 121 10.42 -24.58 -2.84
C ALA D 121 9.55 -25.66 -2.21
N LEU D 122 9.80 -25.99 -0.94
CA LEU D 122 9.03 -27.01 -0.27
C LEU D 122 7.61 -26.56 0.04
N LEU D 123 7.42 -25.26 0.30
CA LEU D 123 6.08 -24.77 0.58
C LEU D 123 5.25 -24.66 -0.69
N ASP D 124 5.86 -24.23 -1.80
CA ASP D 124 5.12 -24.14 -3.06
C ASP D 124 4.80 -25.53 -3.61
N ALA D 125 5.59 -26.54 -3.24
CA ALA D 125 5.27 -27.90 -3.64
C ALA D 125 4.06 -28.44 -2.89
N ALA D 126 3.71 -27.85 -1.75
CA ALA D 126 2.53 -28.22 -1.00
C ALA D 126 1.32 -27.38 -1.36
N ASP D 127 1.43 -26.53 -2.38
CA ASP D 127 0.38 -25.59 -2.76
C ASP D 127 -0.58 -26.27 -3.72
N HIS D 128 -1.87 -26.31 -3.35
CA HIS D 128 -2.90 -26.90 -4.17
C HIS D 128 -3.72 -25.87 -4.95
N GLY D 129 -3.28 -24.62 -4.97
CA GLY D 129 -3.97 -23.56 -5.70
C GLY D 129 -3.10 -23.03 -6.83
N LYS D 130 -3.73 -22.78 -7.98
CA LYS D 130 -3.00 -22.29 -9.14
C LYS D 130 -2.66 -20.81 -8.96
N ASP D 131 -3.69 -19.97 -8.99
CA ASP D 131 -3.53 -18.52 -8.88
C ASP D 131 -3.62 -18.05 -7.43
N VAL D 132 -4.50 -18.65 -6.65
CA VAL D 132 -4.61 -18.38 -5.24
C VAL D 132 -3.88 -19.49 -4.49
N ILE D 133 -3.76 -19.34 -3.18
CA ILE D 133 -3.04 -20.31 -2.35
C ILE D 133 -4.05 -21.26 -1.72
N ASN D 134 -3.76 -22.57 -1.78
CA ASN D 134 -4.50 -23.58 -1.04
C ASN D 134 -3.47 -24.58 -0.48
N LEU D 135 -2.74 -24.16 0.55
CA LEU D 135 -1.73 -25.02 1.15
C LEU D 135 -2.38 -26.26 1.75
N SER D 136 -1.74 -27.41 1.54
CA SER D 136 -2.24 -28.69 2.04
C SER D 136 -1.49 -29.03 3.32
N THR D 137 -2.22 -29.10 4.44
CA THR D 137 -1.61 -29.41 5.72
C THR D 137 -0.81 -30.71 5.66
N LYS D 138 -1.36 -31.73 4.97
CA LYS D 138 -0.66 -33.01 4.88
C LYS D 138 0.75 -32.83 4.35
N GLU D 139 0.90 -32.12 3.24
CA GLU D 139 2.21 -31.96 2.62
C GLU D 139 3.07 -30.94 3.36
N LEU D 140 2.45 -29.90 3.94
CA LEU D 140 3.17 -28.99 4.80
C LEU D 140 3.86 -29.75 5.94
N LEU D 141 3.13 -30.66 6.58
CA LEU D 141 3.66 -31.39 7.72
C LEU D 141 4.71 -32.42 7.33
N ASP D 142 4.91 -32.68 6.04
CA ASP D 142 5.94 -33.60 5.56
C ASP D 142 7.25 -32.90 5.23
N ILE D 143 7.36 -31.62 5.53
CA ILE D 143 8.58 -30.86 5.18
C ILE D 143 9.68 -31.23 6.16
N PRO D 144 10.86 -31.62 5.68
CA PRO D 144 11.96 -31.96 6.61
C PRO D 144 12.85 -30.76 6.88
N ILE D 145 13.20 -30.59 8.15
CA ILE D 145 14.01 -29.45 8.60
C ILE D 145 15.30 -30.00 9.21
N PRO D 146 16.47 -29.44 8.88
CA PRO D 146 17.69 -29.81 9.62
C PRO D 146 17.54 -29.52 11.10
N VAL D 147 18.03 -30.46 11.91
CA VAL D 147 17.94 -30.38 13.36
C VAL D 147 19.30 -29.95 13.91
N ILE D 148 19.33 -28.85 14.65
CA ILE D 148 20.56 -28.37 15.26
C ILE D 148 20.33 -28.12 16.75
N PRO D 149 21.39 -27.92 17.54
CA PRO D 149 21.21 -27.72 18.98
C PRO D 149 20.22 -26.60 19.30
N LEU D 150 19.46 -26.79 20.39
CA LEU D 150 18.49 -25.79 20.78
C LEU D 150 19.16 -24.50 21.21
N VAL D 151 20.31 -24.60 21.89
CA VAL D 151 20.99 -23.39 22.34
C VAL D 151 21.57 -22.64 21.15
N LYS D 152 21.88 -23.34 20.05
CA LYS D 152 22.41 -22.64 18.88
C LYS D 152 21.29 -21.97 18.09
N GLN D 153 20.12 -22.61 18.02
CA GLN D 153 18.96 -21.93 17.46
C GLN D 153 18.68 -20.63 18.22
N ASP D 154 18.69 -20.71 19.55
CA ASP D 154 18.42 -19.52 20.36
C ASP D 154 19.44 -18.42 20.11
N TYR D 155 20.71 -18.79 19.93
CA TYR D 155 21.74 -17.79 19.66
C TYR D 155 21.46 -17.05 18.36
N LEU D 156 21.11 -17.79 17.30
CA LEU D 156 20.74 -17.16 16.04
C LEU D 156 19.43 -16.39 16.17
N ILE D 157 18.51 -16.88 17.00
CA ILE D 157 17.24 -16.18 17.19
C ILE D 157 17.45 -14.90 17.97
N ASN D 158 18.32 -14.92 18.98
CA ASN D 158 18.64 -13.69 19.70
C ASN D 158 19.29 -12.67 18.78
N HIS D 159 20.09 -13.14 17.80
CA HIS D 159 20.74 -12.24 16.87
C HIS D 159 19.78 -11.75 15.78
N TYR D 160 18.87 -12.62 15.35
CA TYR D 160 17.82 -12.17 14.44
C TYR D 160 16.92 -11.12 15.09
N LEU D 161 16.53 -11.37 16.34
CA LEU D 161 15.60 -10.46 17.01
C LEU D 161 16.21 -9.10 17.27
N ARG D 162 17.49 -9.06 17.66
CA ARG D 162 18.13 -7.78 17.94
C ARG D 162 18.27 -6.95 16.66
N GLY D 163 18.59 -7.60 15.54
CA GLY D 163 18.60 -6.88 14.28
C GLY D 163 17.24 -6.38 13.86
N LEU D 164 16.19 -7.14 14.19
CA LEU D 164 14.83 -6.68 13.90
C LEU D 164 14.47 -5.47 14.74
N THR D 165 14.81 -5.49 16.04
CA THR D 165 14.54 -4.35 16.89
C THR D 165 15.43 -3.16 16.54
N ASP D 166 16.71 -3.42 16.23
CA ASP D 166 17.60 -2.35 15.80
C ASP D 166 17.17 -1.77 14.46
N TYR D 167 16.65 -2.62 13.57
CA TYR D 167 16.11 -2.13 12.30
C TYR D 167 14.95 -1.17 12.53
N HIS D 168 14.13 -1.44 13.55
CA HIS D 168 13.04 -0.53 13.88
C HIS D 168 13.55 0.78 14.48
N ARG D 169 14.55 0.69 15.37
CA ARG D 169 15.14 1.90 15.92
C ARG D 169 15.76 2.75 14.81
N LYS D 170 16.60 2.14 13.96
CA LYS D 170 17.21 2.89 12.87
C LYS D 170 16.16 3.53 11.99
N LEU D 171 15.09 2.80 11.67
CA LEU D 171 14.03 3.36 10.83
C LEU D 171 13.32 4.51 11.54
N ASN D 172 12.95 4.32 12.80
CA ASN D 172 12.22 5.36 13.53
C ASN D 172 13.08 6.61 13.69
N ARG D 173 14.39 6.44 13.90
CA ARG D 173 15.26 7.60 14.10
C ARG D 173 15.42 8.41 12.82
N ALA D 174 15.54 7.72 11.68
CA ALA D 174 15.61 8.43 10.40
C ALA D 174 14.32 9.21 10.14
N GLU D 175 13.18 8.64 10.51
CA GLU D 175 11.90 9.34 10.37
C GLU D 175 11.77 10.45 11.40
N GLN D 176 12.22 10.21 12.63
CA GLN D 176 12.14 11.24 13.66
C GLN D 176 13.08 12.40 13.34
N GLU D 177 14.22 12.13 12.71
CA GLU D 177 15.11 13.21 12.31
C GLU D 177 14.54 13.99 11.12
N TRP D 178 14.09 13.27 10.09
CA TRP D 178 13.52 13.94 8.93
C TRP D 178 12.34 14.83 9.30
N GLU D 179 11.56 14.45 10.31
CA GLU D 179 10.46 15.29 10.76
C GLU D 179 10.94 16.48 11.56
N TYR D 180 12.06 16.33 12.28
CA TYR D 180 12.64 17.47 12.99
C TYR D 180 13.17 18.51 12.01
N ILE D 181 13.97 18.06 11.04
CA ILE D 181 14.43 18.96 9.98
C ILE D 181 13.25 19.61 9.29
N GLN D 182 12.27 18.81 8.88
CA GLN D 182 11.11 19.33 8.18
C GLN D 182 10.46 20.48 8.94
N ASN D 183 10.40 20.39 10.27
CA ASN D 183 9.75 21.41 11.08
C ASN D 183 10.69 22.53 11.51
N GLU D 184 12.00 22.29 11.52
CA GLU D 184 12.92 23.41 11.72
C GLU D 184 12.84 24.40 10.57
N ILE D 185 12.24 24.04 9.45
CA ILE D 185 12.16 24.90 8.29
C ILE D 185 10.85 25.67 8.25
N GLN D 186 9.73 25.05 8.62
CA GLN D 186 8.48 25.81 8.71
C GLN D 186 8.62 26.99 9.65
N LYS D 187 9.64 27.00 10.51
CA LYS D 187 9.98 28.16 11.35
C LYS D 187 10.77 29.12 10.47
N GLY D 188 10.04 29.83 9.61
CA GLY D 188 10.66 30.73 8.65
C GLY D 188 9.77 30.98 7.45
#